data_7VS8
#
_entry.id   7VS8
#
_cell.length_a   183.749
_cell.length_b   76.464
_cell.length_c   103.281
_cell.angle_alpha   90.00
_cell.angle_beta   124.20
_cell.angle_gamma   90.00
#
_symmetry.space_group_name_H-M   'C 1 2 1'
#
loop_
_entity.id
_entity.type
_entity.pdbx_description
1 polymer VP1
2 branched alpha-L-fucopyranose-(1-2)-beta-D-galactopyranose-(1-3)-[alpha-L-fucopyranose-(1-4)]2-acetamido-2-deoxy-alpha-D-glucopyranose
3 non-polymer 'MAGNESIUM ION'
4 non-polymer 'CHLORIDE ION'
5 water water
#
_entity_poly.entity_id   1
_entity_poly.type   'polypeptide(L)'
_entity_poly.pdbx_seq_one_letter_code
;QKTKQFSVPNLPLNVMSNSRVPSLLNAMVVSPDQAQVVQFQNGRCTLDGQMLGTTTVSASCVARFRGKTFQAPDNRLGIN
LAEISGEPYHAFESPAPLGFPDFGDGDWHVTATKVTPSQLEANDPVVVGNVQPYNPQFAPHLGTLVVENPTPDQVATGTD
LLFNITWLSNRANNRFNPWVIPNYGSTLTEAAQLAPSIFPPGFGETIVYFNSTFPAVGATTHAAIPCLLPQEFVAHFVNE
QAPIRGEAALLHYIDPDTHRNLGEFKIYPEGFVTCVPNVGGTGPQSLPTNGVFVFVSWVSRYYQLKPVGTAG
;
_entity_poly.pdbx_strand_id   A,B
#
# COMPACT_ATOMS: atom_id res chain seq x y z
N THR A 3 29.54 0.97 7.86
CA THR A 3 29.62 2.42 7.72
C THR A 3 28.23 3.03 7.52
N LYS A 4 27.31 2.31 6.85
CA LYS A 4 25.92 2.75 6.81
C LYS A 4 25.30 2.47 8.17
N GLN A 5 24.93 3.53 8.88
CA GLN A 5 24.42 3.36 10.22
C GLN A 5 22.93 3.01 10.21
N PHE A 6 22.52 2.27 11.24
CA PHE A 6 21.15 1.80 11.32
C PHE A 6 20.20 2.94 11.67
N SER A 7 18.95 2.83 11.19
CA SER A 7 17.89 3.78 11.56
C SER A 7 16.55 3.12 11.31
N VAL A 8 15.50 3.76 11.82
CA VAL A 8 14.12 3.36 11.51
C VAL A 8 13.42 4.54 10.85
N PRO A 9 12.32 4.30 10.14
CA PRO A 9 11.57 5.43 9.59
C PRO A 9 11.03 6.30 10.71
N ASN A 10 11.18 7.61 10.56
CA ASN A 10 10.64 8.53 11.56
C ASN A 10 9.25 9.04 11.17
N LEU A 11 8.41 8.14 10.68
CA LEU A 11 7.01 8.38 10.40
C LEU A 11 6.17 8.05 11.63
N PRO A 12 5.18 8.90 11.94
CA PRO A 12 4.27 8.59 13.05
C PRO A 12 3.61 7.25 12.87
N LEU A 13 3.39 6.56 14.01
CA LEU A 13 2.83 5.22 13.96
C LEU A 13 1.51 5.21 13.17
N ASN A 14 0.64 6.19 13.42
CA ASN A 14 -0.69 6.12 12.80
C ASN A 14 -0.71 6.61 11.34
N VAL A 15 0.43 6.86 10.71
CA VAL A 15 0.46 7.00 9.25
C VAL A 15 1.11 5.80 8.57
N MET A 16 1.77 4.92 9.32
CA MET A 16 2.36 3.72 8.77
C MET A 16 1.30 2.62 8.64
N SER A 17 1.68 1.53 7.99
CA SER A 17 0.73 0.53 7.55
C SER A 17 1.08 -0.87 8.07
N ASN A 18 0.05 -1.70 8.13
CA ASN A 18 0.24 -3.10 8.46
C ASN A 18 1.08 -3.78 7.39
N SER A 19 1.83 -4.80 7.80
CA SER A 19 2.61 -5.60 6.87
C SER A 19 1.95 -6.93 6.55
N ARG A 20 0.73 -7.17 7.07
CA ARG A 20 -0.01 -8.39 6.76
C ARG A 20 -1.38 -8.14 6.14
N VAL A 21 -1.91 -6.93 6.24
CA VAL A 21 -3.03 -6.48 5.43
C VAL A 21 -2.76 -5.06 4.99
N PRO A 22 -3.37 -4.63 3.90
CA PRO A 22 -3.14 -3.25 3.46
C PRO A 22 -4.01 -2.24 4.24
N SER A 23 -3.67 -2.03 5.52
CA SER A 23 -4.45 -1.11 6.36
C SER A 23 -3.52 -0.24 7.19
N LEU A 24 -4.02 0.95 7.54
CA LEU A 24 -3.29 1.84 8.44
C LEU A 24 -3.08 1.16 9.78
N LEU A 25 -1.98 1.51 10.45
CA LEU A 25 -1.80 1.10 11.84
C LEU A 25 -2.56 2.08 12.72
N ASN A 26 -3.28 1.57 13.72
CA ASN A 26 -3.98 2.47 14.64
C ASN A 26 -3.78 2.08 16.09
N ALA A 27 -2.91 1.12 16.39
CA ALA A 27 -2.68 0.72 17.77
C ALA A 27 -1.42 -0.11 17.83
N MET A 28 -0.86 -0.23 19.03
CA MET A 28 0.11 -1.28 19.30
C MET A 28 -0.26 -1.91 20.64
N VAL A 29 -0.12 -3.25 20.71
CA VAL A 29 -0.52 -4.00 21.88
C VAL A 29 0.56 -5.00 22.22
N VAL A 30 0.41 -5.62 23.40
CA VAL A 30 1.16 -6.83 23.74
C VAL A 30 0.14 -7.95 23.98
N SER A 31 0.60 -9.17 23.84
CA SER A 31 -0.23 -10.34 24.07
C SER A 31 0.61 -11.43 24.72
N PRO A 32 1.11 -11.22 25.94
CA PRO A 32 2.07 -12.20 26.49
C PRO A 32 1.51 -13.60 26.69
N ASP A 33 0.30 -13.71 27.22
CA ASP A 33 -0.34 -15.00 27.44
C ASP A 33 -1.08 -15.47 26.20
N GLN A 34 -0.40 -15.40 25.06
CA GLN A 34 -1.00 -15.76 23.77
C GLN A 34 -0.78 -17.24 23.50
N ALA A 35 -1.84 -17.90 23.02
CA ALA A 35 -1.86 -19.35 22.89
C ALA A 35 -0.98 -19.84 21.75
N GLN A 36 -0.98 -19.12 20.63
CA GLN A 36 -0.32 -19.59 19.42
C GLN A 36 1.17 -19.25 19.42
N VAL A 37 1.91 -20.00 18.59
CA VAL A 37 3.26 -19.60 18.26
C VAL A 37 3.21 -18.33 17.42
N VAL A 38 4.32 -17.61 17.39
CA VAL A 38 4.41 -16.36 16.65
C VAL A 38 5.27 -16.64 15.44
N GLN A 39 4.64 -16.71 14.26
CA GLN A 39 5.36 -17.14 13.07
C GLN A 39 4.74 -16.58 11.80
N PHE A 40 4.38 -15.31 11.79
CA PHE A 40 3.86 -14.69 10.56
C PHE A 40 4.87 -14.87 9.43
N GLN A 41 4.36 -14.94 8.20
CA GLN A 41 5.22 -15.03 7.04
C GLN A 41 5.35 -13.71 6.31
N ASN A 42 4.38 -12.82 6.46
CA ASN A 42 4.48 -11.48 5.95
C ASN A 42 4.94 -10.54 7.06
N GLY A 43 5.55 -9.43 6.66
CA GLY A 43 6.10 -8.49 7.64
C GLY A 43 7.28 -9.06 8.41
N ARG A 44 8.15 -9.79 7.73
CA ARG A 44 9.32 -10.40 8.34
C ARG A 44 10.55 -9.89 7.62
N CYS A 45 11.42 -9.19 8.35
CA CYS A 45 12.61 -8.61 7.75
C CYS A 45 13.66 -8.42 8.84
N THR A 46 14.91 -8.80 8.53
CA THR A 46 16.01 -8.55 9.44
C THR A 46 16.36 -7.06 9.45
N LEU A 47 17.05 -6.64 10.52
CA LEU A 47 17.47 -5.25 10.62
C LEU A 47 18.41 -4.87 9.49
N ASP A 48 19.15 -5.82 8.91
CA ASP A 48 19.99 -5.46 7.78
C ASP A 48 19.30 -5.67 6.44
N GLY A 49 17.97 -5.83 6.42
CA GLY A 49 17.24 -5.74 5.18
C GLY A 49 17.03 -7.03 4.40
N GLN A 50 17.06 -8.19 5.05
CA GLN A 50 16.76 -9.45 4.40
C GLN A 50 15.34 -9.85 4.76
N MET A 51 14.47 -9.91 3.76
CA MET A 51 13.10 -10.32 4.00
C MET A 51 13.02 -11.84 4.09
N LEU A 52 12.14 -12.32 4.96
CA LEU A 52 11.95 -13.73 5.23
C LEU A 52 10.52 -14.15 4.91
N GLY A 53 10.29 -15.46 4.88
CA GLY A 53 8.95 -15.96 4.61
C GLY A 53 8.46 -15.57 3.23
N THR A 54 7.27 -14.94 3.17
CA THR A 54 6.72 -14.44 1.92
C THR A 54 6.77 -12.93 1.84
N THR A 55 7.58 -12.30 2.68
CA THR A 55 7.54 -10.86 2.81
C THR A 55 8.01 -10.18 1.53
N THR A 56 7.19 -9.25 1.03
CA THR A 56 7.60 -8.39 -0.07
C THR A 56 7.89 -6.99 0.47
N VAL A 57 8.73 -6.26 -0.28
CA VAL A 57 8.95 -4.85 0.02
C VAL A 57 7.76 -3.99 -0.40
N SER A 58 6.85 -4.52 -1.22
CA SER A 58 5.88 -3.73 -1.99
C SER A 58 4.56 -3.63 -1.23
N ALA A 59 4.24 -2.42 -0.75
CA ALA A 59 3.03 -2.24 0.04
C ALA A 59 1.81 -2.75 -0.71
N SER A 60 1.79 -2.61 -2.02
CA SER A 60 0.63 -2.96 -2.80
C SER A 60 0.59 -4.45 -3.16
N CYS A 61 1.52 -5.25 -2.63
CA CYS A 61 1.47 -6.70 -2.74
C CYS A 61 1.09 -7.39 -1.42
N VAL A 62 1.03 -6.63 -0.33
CA VAL A 62 0.74 -7.21 0.99
C VAL A 62 -0.65 -7.84 0.97
N ALA A 63 -0.70 -9.13 1.25
CA ALA A 63 -1.94 -9.90 1.29
C ALA A 63 -2.72 -9.80 -0.02
N ARG A 64 -2.00 -9.90 -1.15
CA ARG A 64 -2.61 -10.07 -2.46
C ARG A 64 -2.08 -11.34 -3.12
N PHE A 65 -2.78 -11.81 -4.14
CA PHE A 65 -2.25 -12.91 -4.94
C PHE A 65 -2.82 -12.84 -6.35
N ARG A 66 -2.20 -13.58 -7.26
CA ARG A 66 -2.52 -13.46 -8.67
C ARG A 66 -2.38 -14.83 -9.32
N GLY A 67 -3.21 -15.07 -10.33
CA GLY A 67 -3.08 -16.35 -11.01
C GLY A 67 -3.96 -16.40 -12.24
N LYS A 68 -3.86 -17.54 -12.92
CA LYS A 68 -4.66 -17.81 -14.10
C LYS A 68 -5.66 -18.91 -13.77
N THR A 69 -6.87 -18.73 -14.29
CA THR A 69 -8.01 -19.60 -13.98
C THR A 69 -7.95 -20.92 -14.76
N PHE A 70 -8.46 -21.97 -14.12
CA PHE A 70 -8.81 -23.21 -14.80
C PHE A 70 -10.04 -23.79 -14.10
N GLN A 71 -10.71 -24.72 -14.81
CA GLN A 71 -11.94 -25.32 -14.30
C GLN A 71 -11.61 -26.50 -13.40
N ALA A 72 -12.06 -26.43 -12.16
CA ALA A 72 -11.93 -27.49 -11.18
C ALA A 72 -13.28 -28.17 -10.98
N PRO A 73 -13.32 -29.38 -10.41
CA PRO A 73 -14.60 -30.09 -10.28
C PRO A 73 -15.59 -29.32 -9.43
N ASP A 74 -16.88 -29.48 -9.77
CA ASP A 74 -18.01 -28.91 -9.04
C ASP A 74 -18.09 -27.40 -9.20
N ASN A 75 -17.74 -26.92 -10.39
CA ASN A 75 -17.77 -25.48 -10.69
C ASN A 75 -17.00 -24.69 -9.64
N ARG A 76 -15.96 -25.30 -9.09
CA ARG A 76 -14.93 -24.59 -8.36
C ARG A 76 -13.95 -23.99 -9.36
N LEU A 77 -13.38 -22.84 -9.00
CA LEU A 77 -12.49 -22.09 -9.88
C LEU A 77 -11.05 -22.28 -9.40
N GLY A 78 -10.29 -23.11 -10.13
CA GLY A 78 -8.89 -23.28 -9.81
C GLY A 78 -8.06 -22.08 -10.25
N ILE A 79 -7.01 -21.81 -9.48
CA ILE A 79 -6.10 -20.71 -9.79
C ILE A 79 -4.67 -21.24 -9.79
N ASN A 80 -3.97 -21.06 -10.92
CA ASN A 80 -2.53 -21.29 -10.99
C ASN A 80 -1.79 -20.00 -10.67
N LEU A 81 -1.11 -19.97 -9.52
CA LEU A 81 -0.53 -18.75 -9.01
C LEU A 81 0.68 -18.29 -9.82
N ALA A 82 0.82 -16.97 -9.92
CA ALA A 82 2.00 -16.27 -10.39
C ALA A 82 2.40 -15.24 -9.34
N GLU A 83 3.53 -14.57 -9.54
CA GLU A 83 3.81 -13.42 -8.69
C GLU A 83 2.86 -12.28 -9.07
N ILE A 84 2.59 -11.40 -8.10
CA ILE A 84 1.71 -10.28 -8.34
C ILE A 84 2.22 -9.42 -9.50
N SER A 85 3.54 -9.33 -9.66
CA SER A 85 4.09 -8.65 -10.82
C SER A 85 3.77 -9.36 -12.13
N GLY A 86 3.20 -10.56 -12.07
CA GLY A 86 2.98 -11.35 -13.26
C GLY A 86 4.12 -12.27 -13.63
N GLU A 87 5.30 -12.11 -13.02
CA GLU A 87 6.37 -13.05 -13.24
C GLU A 87 5.95 -14.44 -12.77
N PRO A 88 6.47 -15.49 -13.39
CA PRO A 88 6.03 -16.84 -13.01
C PRO A 88 6.44 -17.15 -11.59
N TYR A 89 5.58 -17.90 -10.91
CA TYR A 89 5.88 -18.47 -9.59
C TYR A 89 6.24 -19.94 -9.77
N HIS A 90 7.37 -20.34 -9.19
CA HIS A 90 7.82 -21.73 -9.25
C HIS A 90 7.94 -22.28 -7.84
N ALA A 91 7.63 -23.56 -7.70
CA ALA A 91 7.67 -24.22 -6.40
C ALA A 91 9.12 -24.34 -5.91
N PHE A 92 9.27 -24.71 -4.63
CA PHE A 92 10.53 -25.17 -4.01
C PHE A 92 11.52 -24.05 -3.71
N GLU A 93 11.12 -22.80 -3.88
CA GLU A 93 12.04 -21.69 -3.61
C GLU A 93 11.58 -20.76 -2.49
N SER A 94 10.27 -20.62 -2.25
CA SER A 94 9.69 -19.83 -1.18
C SER A 94 8.44 -20.52 -0.68
N PRO A 95 7.93 -20.17 0.50
CA PRO A 95 6.70 -20.82 0.99
C PRO A 95 5.50 -20.59 0.07
N ALA A 96 5.43 -19.44 -0.60
CA ALA A 96 4.32 -19.04 -1.45
C ALA A 96 4.76 -17.79 -2.21
N PRO A 97 3.99 -17.30 -3.18
CA PRO A 97 4.39 -16.05 -3.87
C PRO A 97 4.56 -14.89 -2.89
N LEU A 98 5.36 -13.91 -3.34
CA LEU A 98 5.60 -12.72 -2.56
C LEU A 98 4.29 -12.02 -2.20
N GLY A 99 4.13 -11.66 -0.91
CA GLY A 99 2.93 -10.99 -0.46
C GLY A 99 1.74 -11.90 -0.17
N PHE A 100 1.82 -13.17 -0.57
CA PHE A 100 0.71 -14.11 -0.41
C PHE A 100 0.17 -14.06 1.02
N PRO A 101 -1.16 -14.00 1.19
CA PRO A 101 -1.73 -13.78 2.55
C PRO A 101 -1.37 -14.90 3.50
N ASP A 102 -1.11 -14.54 4.77
CA ASP A 102 -0.71 -15.59 5.71
C ASP A 102 -1.71 -15.81 6.85
N PHE A 103 -3.02 -15.89 6.50
CA PHE A 103 -4.11 -16.21 7.45
C PHE A 103 -4.65 -17.61 7.18
N GLY A 104 -4.41 -18.52 8.11
CA GLY A 104 -4.89 -19.88 7.96
C GLY A 104 -6.17 -20.28 8.68
N ASP A 105 -6.74 -19.40 9.50
CA ASP A 105 -7.80 -19.78 10.43
C ASP A 105 -9.21 -19.38 9.99
N GLY A 106 -9.38 -18.90 8.76
CA GLY A 106 -10.74 -18.55 8.36
C GLY A 106 -10.84 -18.32 6.86
N ASP A 107 -12.04 -17.91 6.45
CA ASP A 107 -12.33 -17.76 5.02
C ASP A 107 -11.78 -16.43 4.51
N TRP A 108 -11.17 -16.48 3.33
CA TRP A 108 -10.81 -15.28 2.59
C TRP A 108 -11.93 -15.00 1.59
N HIS A 109 -12.65 -13.90 1.80
CA HIS A 109 -13.63 -13.44 0.81
C HIS A 109 -12.92 -12.44 -0.10
N VAL A 110 -12.76 -12.83 -1.36
CA VAL A 110 -11.80 -12.17 -2.25
C VAL A 110 -12.55 -11.45 -3.35
N THR A 111 -11.96 -10.35 -3.79
CA THR A 111 -12.42 -9.62 -4.96
C THR A 111 -11.25 -9.57 -5.94
N ALA A 112 -11.48 -10.07 -7.14
CA ALA A 112 -10.45 -10.12 -8.15
C ALA A 112 -10.86 -9.25 -9.32
N THR A 113 -9.86 -8.79 -10.08
CA THR A 113 -10.14 -8.18 -11.36
C THR A 113 -9.26 -8.83 -12.40
N LYS A 114 -9.73 -8.80 -13.65
CA LYS A 114 -8.84 -9.06 -14.77
C LYS A 114 -7.72 -8.01 -14.80
N VAL A 115 -6.56 -8.42 -15.28
CA VAL A 115 -5.44 -7.50 -15.38
C VAL A 115 -4.81 -7.48 -16.77
N THR A 116 -5.32 -8.30 -17.70
CA THR A 116 -4.84 -8.28 -19.07
C THR A 116 -5.42 -7.07 -19.80
N PRO A 117 -4.60 -6.15 -20.31
CA PRO A 117 -5.17 -4.93 -20.92
C PRO A 117 -6.19 -5.22 -22.01
N SER A 118 -6.00 -6.27 -22.80
CA SER A 118 -6.94 -6.56 -23.87
C SER A 118 -8.29 -7.00 -23.32
N GLN A 119 -8.34 -7.56 -22.11
CA GLN A 119 -9.61 -7.92 -21.48
C GLN A 119 -10.24 -6.75 -20.73
N LEU A 120 -9.69 -5.54 -20.86
CA LEU A 120 -10.14 -4.38 -20.10
C LEU A 120 -10.58 -3.25 -21.02
N GLU A 121 -11.01 -3.59 -22.22
CA GLU A 121 -11.51 -2.58 -23.13
C GLU A 121 -12.97 -2.26 -22.87
N ALA A 122 -13.69 -3.15 -22.20
CA ALA A 122 -15.12 -3.00 -21.94
C ALA A 122 -15.53 -4.05 -20.91
N ASN A 123 -16.74 -3.87 -20.36
CA ASN A 123 -17.40 -4.84 -19.50
C ASN A 123 -16.78 -4.98 -18.11
N ASP A 124 -17.44 -5.77 -17.27
CA ASP A 124 -17.20 -5.88 -15.84
C ASP A 124 -16.08 -6.86 -15.59
N PRO A 125 -14.93 -6.40 -15.11
CA PRO A 125 -13.76 -7.29 -14.94
C PRO A 125 -13.70 -8.02 -13.60
N VAL A 126 -14.75 -7.98 -12.79
CA VAL A 126 -14.68 -8.47 -11.41
C VAL A 126 -15.07 -9.93 -11.35
N VAL A 127 -14.35 -10.67 -10.52
CA VAL A 127 -14.73 -12.01 -10.08
C VAL A 127 -14.63 -12.00 -8.57
N VAL A 128 -15.63 -12.52 -7.88
CA VAL A 128 -15.58 -12.65 -6.43
C VAL A 128 -15.77 -14.11 -6.07
N GLY A 129 -15.41 -14.45 -4.84
CA GLY A 129 -15.52 -15.81 -4.38
C GLY A 129 -14.90 -15.91 -3.01
N ASN A 130 -14.72 -17.14 -2.52
CA ASN A 130 -13.91 -17.25 -1.32
C ASN A 130 -12.93 -18.40 -1.41
N VAL A 131 -11.83 -18.24 -0.67
CA VAL A 131 -10.75 -19.20 -0.59
C VAL A 131 -10.76 -19.75 0.82
N GLN A 132 -10.62 -21.06 0.95
CA GLN A 132 -10.66 -21.71 2.26
C GLN A 132 -9.33 -22.37 2.47
N PRO A 133 -8.40 -21.72 3.17
CA PRO A 133 -7.04 -22.24 3.30
C PRO A 133 -6.96 -23.56 4.06
N TYR A 134 -7.98 -23.89 4.85
CA TYR A 134 -8.08 -25.18 5.53
C TYR A 134 -8.62 -26.30 4.64
N ASN A 135 -9.10 -26.01 3.43
CA ASN A 135 -9.63 -27.02 2.51
C ASN A 135 -8.48 -27.81 1.89
N PRO A 136 -8.69 -29.11 1.62
CA PRO A 136 -7.60 -29.95 1.09
C PRO A 136 -7.00 -29.52 -0.24
N GLN A 137 -7.68 -28.69 -1.04
CA GLN A 137 -7.12 -28.27 -2.33
C GLN A 137 -6.42 -26.92 -2.27
N PHE A 138 -5.85 -26.58 -1.13
CA PHE A 138 -5.10 -25.35 -0.92
C PHE A 138 -3.62 -25.73 -0.93
N ALA A 139 -2.92 -25.41 -2.01
CA ALA A 139 -1.51 -25.80 -2.19
C ALA A 139 -0.70 -24.59 -2.68
N PRO A 140 -0.50 -23.58 -1.83
CA PRO A 140 0.21 -22.38 -2.31
C PRO A 140 1.69 -22.62 -2.56
N HIS A 141 2.37 -23.45 -1.78
CA HIS A 141 3.77 -23.70 -2.10
C HIS A 141 3.92 -24.22 -3.51
N LEU A 142 3.05 -25.13 -3.95
CA LEU A 142 3.15 -25.71 -5.29
C LEU A 142 2.41 -24.89 -6.34
N GLY A 143 1.83 -23.75 -5.96
CA GLY A 143 1.34 -22.77 -6.90
C GLY A 143 -0.13 -22.83 -7.26
N THR A 144 -0.96 -23.54 -6.48
CA THR A 144 -2.35 -23.73 -6.90
C THR A 144 -3.28 -23.59 -5.71
N LEU A 145 -4.44 -22.99 -5.96
CA LEU A 145 -5.50 -22.92 -4.95
C LEU A 145 -6.84 -22.89 -5.67
N VAL A 146 -7.92 -22.89 -4.90
CA VAL A 146 -9.28 -22.95 -5.43
C VAL A 146 -10.10 -21.79 -4.88
N VAL A 147 -10.88 -21.16 -5.75
CA VAL A 147 -11.85 -20.17 -5.36
C VAL A 147 -13.23 -20.83 -5.35
N GLU A 148 -13.79 -21.02 -4.16
CA GLU A 148 -15.13 -21.59 -4.02
C GLU A 148 -16.21 -20.58 -4.36
N ASN A 149 -17.30 -21.08 -4.93
CA ASN A 149 -18.46 -20.27 -5.30
C ASN A 149 -18.14 -18.97 -6.05
N PRO A 150 -17.41 -19.04 -7.15
CA PRO A 150 -17.09 -17.80 -7.88
C PRO A 150 -18.36 -17.13 -8.41
N THR A 151 -18.24 -15.83 -8.65
CA THR A 151 -19.25 -15.08 -9.38
C THR A 151 -18.52 -14.11 -10.31
N PRO A 152 -18.65 -14.27 -11.63
CA PRO A 152 -19.40 -15.30 -12.36
C PRO A 152 -18.92 -16.73 -12.04
N ASP A 153 -19.81 -17.72 -12.12
CA ASP A 153 -19.43 -19.11 -11.89
C ASP A 153 -18.78 -19.74 -13.11
N GLN A 154 -18.63 -18.97 -14.17
CA GLN A 154 -18.09 -19.46 -15.44
C GLN A 154 -17.09 -18.40 -15.91
N VAL A 155 -15.82 -18.62 -15.63
CA VAL A 155 -14.75 -17.75 -16.08
C VAL A 155 -13.90 -18.54 -17.06
N ALA A 156 -13.59 -17.93 -18.21
CA ALA A 156 -12.80 -18.60 -19.22
C ALA A 156 -11.47 -19.09 -18.65
N THR A 157 -11.03 -20.25 -19.11
CA THR A 157 -9.74 -20.81 -18.68
C THR A 157 -8.59 -19.91 -19.11
N GLY A 158 -7.59 -19.78 -18.24
CA GLY A 158 -6.44 -18.95 -18.56
C GLY A 158 -6.63 -17.46 -18.33
N THR A 159 -7.67 -17.04 -17.62
CA THR A 159 -7.86 -15.63 -17.33
C THR A 159 -6.91 -15.18 -16.22
N ASP A 160 -6.18 -14.10 -16.46
CA ASP A 160 -5.25 -13.53 -15.49
C ASP A 160 -6.04 -12.67 -14.50
N LEU A 161 -6.01 -13.03 -13.21
CA LEU A 161 -6.78 -12.35 -12.18
C LEU A 161 -5.90 -11.88 -11.03
N LEU A 162 -6.13 -10.65 -10.56
CA LEU A 162 -5.43 -10.13 -9.38
C LEU A 162 -6.42 -10.09 -8.22
N PHE A 163 -6.08 -10.75 -7.11
CA PHE A 163 -6.98 -10.94 -5.98
C PHE A 163 -6.62 -10.05 -4.80
N ASN A 164 -7.65 -9.47 -4.18
CA ASN A 164 -7.57 -8.80 -2.90
C ASN A 164 -8.45 -9.52 -1.90
N ILE A 165 -8.09 -9.42 -0.63
CA ILE A 165 -8.94 -9.93 0.44
C ILE A 165 -9.84 -8.79 0.88
N THR A 166 -11.13 -8.86 0.49
CA THR A 166 -12.07 -7.85 0.93
C THR A 166 -12.39 -8.00 2.42
N TRP A 167 -12.59 -9.23 2.88
CA TRP A 167 -12.77 -9.46 4.30
C TRP A 167 -12.45 -10.92 4.62
N LEU A 168 -12.33 -11.20 5.91
CA LEU A 168 -12.06 -12.52 6.47
C LEU A 168 -13.20 -12.86 7.42
N SER A 169 -13.47 -14.16 7.57
CA SER A 169 -14.48 -14.57 8.54
C SER A 169 -14.03 -15.82 9.26
N ASN A 170 -14.62 -16.05 10.44
CA ASN A 170 -14.33 -17.21 11.26
C ASN A 170 -14.85 -18.48 10.59
N ARG A 171 -14.25 -19.61 10.97
CA ARG A 171 -14.83 -20.91 10.62
C ARG A 171 -16.05 -21.17 11.51
N ALA A 172 -16.95 -22.02 11.02
CA ALA A 172 -18.16 -22.36 11.77
C ALA A 172 -17.81 -22.83 13.19
N ASN A 173 -18.51 -22.26 14.17
CA ASN A 173 -18.36 -22.60 15.58
C ASN A 173 -16.99 -22.27 16.14
N ASN A 174 -16.24 -21.35 15.51
CA ASN A 174 -14.99 -20.86 16.07
C ASN A 174 -14.93 -19.36 15.84
N ARG A 175 -13.92 -18.74 16.44
CA ARG A 175 -13.55 -17.37 16.13
C ARG A 175 -12.30 -17.40 15.27
N PHE A 176 -12.08 -16.30 14.53
CA PHE A 176 -10.96 -16.19 13.60
C PHE A 176 -9.73 -15.70 14.37
N ASN A 177 -8.72 -16.55 14.50
CA ASN A 177 -7.48 -16.17 15.17
C ASN A 177 -6.49 -15.66 14.13
N PRO A 178 -6.19 -14.35 14.09
CA PRO A 178 -5.27 -13.83 13.06
C PRO A 178 -3.81 -14.20 13.28
N TRP A 179 -3.47 -14.91 14.36
CA TRP A 179 -2.11 -15.37 14.56
C TRP A 179 -1.79 -16.60 13.72
N VAL A 180 -2.81 -17.37 13.37
CA VAL A 180 -2.63 -18.69 12.76
C VAL A 180 -2.24 -18.52 11.31
N ILE A 181 -1.11 -19.10 10.92
CA ILE A 181 -0.64 -18.98 9.54
C ILE A 181 -1.14 -20.16 8.74
N PRO A 182 -1.17 -20.08 7.40
CA PRO A 182 -1.65 -21.20 6.60
C PRO A 182 -0.69 -22.38 6.67
N ASN A 183 -1.20 -23.55 6.27
CA ASN A 183 -0.37 -24.70 5.97
C ASN A 183 -0.05 -24.57 4.49
N TYR A 184 1.22 -24.34 4.17
CA TYR A 184 1.59 -24.08 2.80
C TYR A 184 1.75 -25.36 1.99
N GLY A 185 1.68 -26.52 2.63
CA GLY A 185 1.67 -27.80 1.93
C GLY A 185 3.07 -28.33 1.67
N SER A 186 3.09 -29.46 0.97
CA SER A 186 4.31 -30.09 0.41
C SER A 186 5.31 -30.36 1.54
N THR A 187 6.59 -30.35 1.18
CA THR A 187 7.71 -30.30 2.10
C THR A 187 8.61 -29.18 1.61
N LEU A 188 8.93 -28.25 2.50
CA LEU A 188 9.67 -27.08 2.06
C LEU A 188 11.16 -27.40 2.03
N THR A 189 11.79 -27.16 0.88
CA THR A 189 13.24 -27.15 0.79
C THR A 189 13.83 -26.16 1.80
N GLU A 190 15.15 -26.29 2.00
CA GLU A 190 15.87 -25.36 2.85
C GLU A 190 15.67 -23.93 2.37
N ALA A 191 15.73 -23.72 1.05
CA ALA A 191 15.56 -22.38 0.49
C ALA A 191 14.18 -21.83 0.79
N ALA A 192 13.14 -22.66 0.65
CA ALA A 192 11.75 -22.24 0.77
C ALA A 192 11.25 -22.22 2.21
N GLN A 193 12.15 -22.42 3.18
CA GLN A 193 11.80 -22.47 4.59
C GLN A 193 10.91 -21.30 5.01
N LEU A 194 9.94 -21.60 5.87
CA LEU A 194 9.19 -20.57 6.57
C LEU A 194 10.12 -19.64 7.36
N ALA A 195 9.73 -18.39 7.44
CA ALA A 195 10.29 -17.51 8.45
C ALA A 195 10.15 -18.20 9.81
N PRO A 196 11.19 -18.20 10.64
CA PRO A 196 11.13 -18.97 11.89
C PRO A 196 10.09 -18.40 12.85
N SER A 197 9.76 -19.21 13.83
CA SER A 197 8.91 -18.67 14.88
C SER A 197 9.76 -17.85 15.85
N ILE A 198 9.10 -16.98 16.60
CA ILE A 198 9.79 -16.02 17.46
C ILE A 198 9.53 -16.38 18.91
N PHE A 199 10.54 -16.51 19.63
CA PHE A 199 10.26 -16.89 21.00
C PHE A 199 10.34 -15.70 21.93
N PRO A 200 9.62 -15.72 23.05
CA PRO A 200 9.63 -14.58 23.97
C PRO A 200 11.04 -14.35 24.48
N PRO A 201 11.51 -13.10 24.44
CA PRO A 201 12.84 -12.80 24.96
C PRO A 201 12.79 -12.72 26.48
N GLY A 202 13.96 -12.58 27.07
CA GLY A 202 14.06 -12.53 28.51
C GLY A 202 13.81 -11.14 29.04
N PHE A 203 14.28 -10.94 30.27
CA PHE A 203 14.37 -9.62 30.89
C PHE A 203 13.01 -8.95 31.01
N GLY A 204 11.97 -9.76 31.20
CA GLY A 204 10.64 -9.22 31.34
C GLY A 204 10.08 -8.61 30.09
N GLU A 205 10.65 -8.90 28.93
CA GLU A 205 10.20 -8.31 27.69
C GLU A 205 9.11 -9.16 27.05
N THR A 206 8.22 -8.49 26.33
CA THR A 206 7.19 -9.17 25.56
C THR A 206 7.10 -8.55 24.17
N ILE A 207 6.64 -9.36 23.22
CA ILE A 207 6.59 -8.94 21.82
C ILE A 207 5.55 -7.84 21.65
N VAL A 208 5.91 -6.82 20.88
CA VAL A 208 4.99 -5.73 20.54
C VAL A 208 4.37 -6.02 19.18
N TYR A 209 3.05 -5.91 19.09
CA TYR A 209 2.31 -6.10 17.85
C TYR A 209 1.75 -4.76 17.38
N PHE A 210 1.84 -4.53 16.08
CA PHE A 210 1.25 -3.34 15.48
C PHE A 210 -0.07 -3.75 14.87
N ASN A 211 -1.17 -3.16 15.37
CA ASN A 211 -2.52 -3.59 15.04
C ASN A 211 -3.17 -2.64 14.04
N SER A 212 -4.00 -3.20 13.17
CA SER A 212 -4.87 -2.46 12.26
C SER A 212 -6.31 -2.88 12.50
N THR A 213 -7.23 -1.92 12.45
CA THR A 213 -8.62 -2.32 12.29
C THR A 213 -8.81 -2.80 10.86
N PHE A 214 -9.53 -3.91 10.72
CA PHE A 214 -9.66 -4.56 9.42
C PHE A 214 -10.95 -5.37 9.42
N PRO A 215 -11.64 -5.48 8.30
CA PRO A 215 -12.87 -6.28 8.30
C PRO A 215 -12.58 -7.76 8.44
N ALA A 216 -12.12 -8.16 9.63
CA ALA A 216 -11.95 -9.56 9.97
C ALA A 216 -13.13 -9.90 10.88
N VAL A 217 -14.11 -10.62 10.34
CA VAL A 217 -15.39 -10.81 10.99
C VAL A 217 -15.29 -11.99 11.94
N GLY A 218 -15.78 -11.82 13.16
CA GLY A 218 -15.75 -12.89 14.13
C GLY A 218 -14.37 -13.23 14.62
N ALA A 219 -13.52 -12.22 14.80
CA ALA A 219 -12.14 -12.47 15.17
C ALA A 219 -12.00 -12.65 16.68
N THR A 220 -10.93 -13.31 17.08
CA THR A 220 -10.58 -13.37 18.50
C THR A 220 -10.14 -12.00 19.03
N THR A 221 -9.86 -11.05 18.14
CA THR A 221 -9.29 -9.77 18.50
C THR A 221 -10.26 -8.63 18.27
N HIS A 222 -11.45 -8.90 17.79
CA HIS A 222 -12.41 -7.82 17.52
C HIS A 222 -11.85 -6.87 16.44
N ALA A 223 -11.77 -7.45 15.24
CA ALA A 223 -11.51 -6.75 13.99
C ALA A 223 -10.13 -6.12 13.94
N ALA A 224 -9.14 -6.75 14.59
CA ALA A 224 -7.76 -6.25 14.67
C ALA A 224 -6.77 -7.28 14.13
N ILE A 225 -5.92 -6.85 13.21
CA ILE A 225 -4.90 -7.70 12.62
C ILE A 225 -3.54 -7.28 13.18
N PRO A 226 -2.78 -8.18 13.78
CA PRO A 226 -1.46 -7.84 14.31
C PRO A 226 -0.35 -8.15 13.33
N CYS A 227 0.73 -7.38 13.41
CA CYS A 227 1.94 -7.67 12.64
C CYS A 227 3.16 -7.29 13.47
N LEU A 228 4.32 -7.80 13.08
CA LEU A 228 5.53 -7.56 13.86
C LEU A 228 6.25 -6.29 13.48
N LEU A 229 6.07 -5.79 12.26
CA LEU A 229 6.80 -4.63 11.79
C LEU A 229 5.86 -3.85 10.89
N PRO A 230 5.83 -2.53 11.00
CA PRO A 230 5.17 -1.74 9.96
C PRO A 230 5.80 -2.03 8.61
N GLN A 231 4.99 -1.99 7.55
CA GLN A 231 5.51 -2.23 6.21
C GLN A 231 6.61 -1.23 5.87
N GLU A 232 6.46 0.01 6.34
CA GLU A 232 7.49 1.03 6.14
C GLU A 232 8.81 0.65 6.80
N PHE A 233 8.78 -0.10 7.90
CA PHE A 233 10.04 -0.61 8.47
C PHE A 233 10.68 -1.61 7.51
N VAL A 234 9.86 -2.54 6.99
CA VAL A 234 10.36 -3.48 5.99
C VAL A 234 10.99 -2.73 4.84
N ALA A 235 10.25 -1.80 4.23
CA ALA A 235 10.79 -1.04 3.11
C ALA A 235 12.04 -0.27 3.51
N HIS A 236 12.08 0.23 4.75
CA HIS A 236 13.23 1.01 5.19
C HIS A 236 14.48 0.15 5.27
N PHE A 237 14.37 -1.03 5.92
CA PHE A 237 15.53 -1.90 6.12
C PHE A 237 16.04 -2.45 4.78
N VAL A 238 15.12 -2.83 3.89
CA VAL A 238 15.53 -3.31 2.57
C VAL A 238 16.27 -2.21 1.82
N ASN A 239 15.77 -0.97 1.90
CA ASN A 239 16.42 0.15 1.23
C ASN A 239 17.79 0.46 1.84
N GLU A 240 17.91 0.41 3.17
CA GLU A 240 19.13 0.88 3.82
C GLU A 240 20.23 -0.18 3.83
N GLN A 241 19.90 -1.44 4.10
CA GLN A 241 20.89 -2.50 4.22
C GLN A 241 21.98 -2.15 5.24
N ALA A 242 21.60 -1.50 6.33
CA ALA A 242 22.59 -1.13 7.33
C ALA A 242 23.06 -2.39 8.05
N PRO A 243 24.36 -2.66 8.12
CA PRO A 243 24.80 -3.91 8.74
C PRO A 243 24.48 -3.91 10.22
N ILE A 244 24.21 -5.11 10.74
CA ILE A 244 23.93 -5.26 12.16
C ILE A 244 25.21 -5.06 12.96
N ARG A 245 25.17 -4.15 13.95
CA ARG A 245 26.35 -3.75 14.70
C ARG A 245 26.15 -3.85 16.21
N GLY A 246 25.21 -4.68 16.66
CA GLY A 246 24.93 -4.88 18.08
C GLY A 246 23.93 -6.00 18.24
N GLU A 247 23.68 -6.39 19.49
CA GLU A 247 22.80 -7.52 19.74
C GLU A 247 21.33 -7.13 19.66
N ALA A 248 21.02 -5.85 19.83
CA ALA A 248 19.66 -5.35 19.70
C ALA A 248 19.76 -3.84 19.49
N ALA A 249 18.67 -3.25 19.03
CA ALA A 249 18.64 -1.83 18.72
C ALA A 249 17.63 -1.13 19.63
N LEU A 250 18.12 -0.21 20.45
CA LEU A 250 17.26 0.55 21.36
C LEU A 250 16.51 1.63 20.60
N LEU A 251 15.19 1.67 20.75
CA LEU A 251 14.37 2.73 20.15
C LEU A 251 13.69 3.53 21.25
N HIS A 252 13.49 4.82 20.99
CA HIS A 252 12.59 5.64 21.79
C HIS A 252 11.37 6.00 20.97
N TYR A 253 10.20 6.01 21.61
CA TYR A 253 8.96 6.40 20.94
C TYR A 253 8.62 7.81 21.40
N ILE A 254 8.83 8.77 20.49
CA ILE A 254 8.92 10.19 20.84
C ILE A 254 7.61 10.88 20.50
N ASP A 255 7.14 11.73 21.39
CA ASP A 255 6.14 12.69 20.98
C ASP A 255 6.78 13.61 19.94
N PRO A 256 6.25 13.69 18.72
CA PRO A 256 7.01 14.37 17.66
C PRO A 256 7.07 15.89 17.84
N ASP A 257 6.06 16.53 18.44
CA ASP A 257 6.15 17.96 18.68
C ASP A 257 6.88 18.29 19.99
N THR A 258 6.35 17.84 21.15
CA THR A 258 7.05 18.04 22.43
C THR A 258 8.43 17.40 22.49
N HIS A 259 8.75 16.48 21.59
CA HIS A 259 10.04 15.79 21.55
C HIS A 259 10.34 14.97 22.79
N ARG A 260 9.35 14.72 23.64
CA ARG A 260 9.60 13.95 24.86
C ARG A 260 9.40 12.44 24.64
N ASN A 261 10.10 11.66 25.45
CA ASN A 261 10.17 10.21 25.31
C ASN A 261 8.95 9.54 25.96
N LEU A 262 8.12 8.86 25.15
CA LEU A 262 6.94 8.18 25.68
C LEU A 262 7.21 6.73 26.07
N GLY A 263 8.32 6.14 25.65
CA GLY A 263 8.57 4.76 25.98
C GLY A 263 9.78 4.15 25.30
N GLU A 264 10.35 3.12 25.93
CA GLU A 264 11.55 2.47 25.43
C GLU A 264 11.18 1.13 24.83
N PHE A 265 11.79 0.81 23.69
CA PHE A 265 11.56 -0.45 23.01
C PHE A 265 12.90 -0.97 22.49
N LYS A 266 12.95 -2.28 22.29
CA LYS A 266 14.06 -2.95 21.63
C LYS A 266 13.56 -3.57 20.34
N ILE A 267 14.30 -3.39 19.26
CA ILE A 267 14.04 -4.13 18.04
C ILE A 267 15.27 -4.99 17.79
N TYR A 268 15.07 -6.28 17.64
CA TYR A 268 16.02 -7.36 17.58
C TYR A 268 16.44 -7.63 16.13
N PRO A 269 17.67 -8.14 15.93
CA PRO A 269 18.15 -8.41 14.56
C PRO A 269 17.20 -9.21 13.70
N GLU A 270 16.49 -10.17 14.30
CA GLU A 270 15.58 -11.04 13.57
C GLU A 270 14.32 -10.31 13.08
N GLY A 271 14.12 -9.08 13.53
CA GLY A 271 13.02 -8.27 13.03
C GLY A 271 11.74 -8.28 13.83
N PHE A 272 11.81 -8.08 15.15
CA PHE A 272 10.62 -7.90 15.96
C PHE A 272 10.93 -6.91 17.09
N VAL A 273 9.87 -6.30 17.61
CA VAL A 273 9.95 -5.26 18.63
C VAL A 273 9.48 -5.83 19.96
N THR A 274 10.14 -5.42 21.05
CA THR A 274 9.69 -5.77 22.40
C THR A 274 9.65 -4.52 23.28
N CYS A 275 8.96 -4.67 24.41
CA CYS A 275 8.92 -3.68 25.48
C CYS A 275 8.73 -4.42 26.79
N VAL A 276 8.81 -3.67 27.90
CA VAL A 276 8.50 -4.19 29.22
C VAL A 276 7.24 -3.48 29.71
N PRO A 277 6.07 -4.13 29.69
CA PRO A 277 4.86 -3.45 30.17
C PRO A 277 4.97 -3.13 31.65
N ASN A 278 4.60 -1.90 32.00
CA ASN A 278 4.33 -1.60 33.41
C ASN A 278 3.33 -2.61 33.94
N VAL A 279 3.64 -3.19 35.10
CA VAL A 279 2.90 -4.36 35.58
C VAL A 279 1.44 -4.00 35.83
N GLY A 280 0.54 -4.87 35.37
CA GLY A 280 -0.89 -4.70 35.56
C GLY A 280 -1.60 -3.83 34.55
N GLY A 281 -0.89 -3.31 33.55
CA GLY A 281 -1.48 -2.49 32.53
C GLY A 281 -1.30 -3.07 31.13
N THR A 282 -1.77 -2.30 30.15
CA THR A 282 -1.79 -2.73 28.76
C THR A 282 -0.49 -2.38 28.02
N GLY A 283 0.58 -2.01 28.72
CA GLY A 283 1.83 -1.72 28.08
C GLY A 283 1.73 -0.55 27.13
N PRO A 284 2.25 -0.74 25.90
CA PRO A 284 2.28 0.37 24.94
C PRO A 284 0.91 0.78 24.44
N GLN A 285 -0.14 0.00 24.73
CA GLN A 285 -1.46 0.25 24.15
C GLN A 285 -2.05 1.60 24.56
N SER A 286 -1.69 2.11 25.74
CA SER A 286 -2.25 3.38 26.21
C SER A 286 -1.53 4.60 25.66
N LEU A 287 -0.35 4.45 25.06
CA LEU A 287 0.38 5.61 24.54
C LEU A 287 -0.34 6.20 23.34
N PRO A 288 -0.19 7.50 23.09
CA PRO A 288 -0.76 8.08 21.87
C PRO A 288 -0.20 7.38 20.64
N THR A 289 -1.01 7.31 19.60
CA THR A 289 -0.61 6.57 18.40
C THR A 289 0.06 7.46 17.37
N ASN A 290 0.28 8.74 17.68
CA ASN A 290 0.89 9.66 16.75
C ASN A 290 2.35 9.93 17.07
N GLY A 291 2.99 9.05 17.86
CA GLY A 291 4.39 9.20 18.18
C GLY A 291 5.28 8.62 17.09
N VAL A 292 6.58 8.79 17.27
CA VAL A 292 7.55 8.50 16.24
C VAL A 292 8.68 7.69 16.87
N PHE A 293 9.04 6.58 16.24
CA PHE A 293 10.14 5.75 16.73
C PHE A 293 11.47 6.33 16.28
N VAL A 294 12.42 6.38 17.21
CA VAL A 294 13.75 6.94 16.94
C VAL A 294 14.79 5.95 17.44
N PHE A 295 15.81 5.68 16.61
CA PHE A 295 16.93 4.84 16.99
C PHE A 295 17.88 5.59 17.92
N VAL A 296 18.18 4.99 19.08
CA VAL A 296 19.06 5.60 20.07
C VAL A 296 20.46 5.04 19.90
N SER A 297 20.59 3.72 20.00
CA SER A 297 21.87 3.06 19.89
C SER A 297 21.65 1.56 19.80
N TRP A 298 22.67 0.87 19.32
CA TRP A 298 22.77 -0.56 19.56
C TRP A 298 22.98 -0.80 21.04
N VAL A 299 22.46 -1.93 21.52
CA VAL A 299 22.62 -2.36 22.91
C VAL A 299 22.77 -3.87 22.93
N SER A 300 23.17 -4.40 24.08
CA SER A 300 23.25 -5.85 24.22
C SER A 300 21.86 -6.42 24.55
N ARG A 301 21.76 -7.75 24.54
CA ARG A 301 20.46 -8.36 24.81
C ARG A 301 20.00 -8.09 26.23
N TYR A 302 20.92 -7.84 27.17
CA TYR A 302 20.50 -7.67 28.55
C TYR A 302 20.26 -6.22 28.94
N TYR A 303 20.22 -5.29 27.99
CA TYR A 303 19.81 -3.94 28.32
C TYR A 303 18.39 -3.95 28.88
N GLN A 304 18.17 -3.30 30.03
CA GLN A 304 16.90 -3.35 30.72
C GLN A 304 16.04 -2.15 30.35
N LEU A 305 14.89 -2.40 29.73
CA LEU A 305 14.00 -1.33 29.30
C LEU A 305 13.24 -0.78 30.50
N LYS A 306 13.07 0.54 30.55
CA LYS A 306 12.16 1.09 31.54
C LYS A 306 10.73 0.65 31.19
N PRO A 307 9.95 0.24 32.18
CA PRO A 307 8.58 -0.19 31.90
C PRO A 307 7.78 0.88 31.19
N VAL A 308 6.92 0.46 30.27
CA VAL A 308 6.12 1.38 29.48
C VAL A 308 4.65 1.21 29.85
N GLY A 309 3.92 2.30 29.79
CA GLY A 309 2.48 2.26 30.05
C GLY A 309 2.15 2.52 31.50
N THR A 310 0.88 2.31 31.82
CA THR A 310 0.35 2.56 33.15
C THR A 310 0.10 1.25 33.89
N ALA A 311 -0.02 1.36 35.20
CA ALA A 311 -0.22 0.17 36.04
C ALA A 311 -1.63 -0.42 35.91
N GLY A 312 -2.57 0.29 35.30
CA GLY A 312 -3.90 -0.25 35.07
C GLY A 312 -5.03 0.75 35.18
N THR B 3 21.95 20.15 6.65
CA THR B 3 23.04 19.31 6.19
C THR B 3 22.60 17.85 6.00
N LYS B 4 21.32 17.56 6.18
CA LYS B 4 20.80 16.26 5.74
C LYS B 4 20.83 16.21 4.22
N GLN B 5 21.57 15.27 3.67
CA GLN B 5 21.75 15.24 2.23
C GLN B 5 20.57 14.58 1.52
N PHE B 6 20.31 15.05 0.31
CA PHE B 6 19.20 14.52 -0.47
C PHE B 6 19.52 13.12 -0.98
N SER B 7 18.49 12.29 -1.10
CA SER B 7 18.61 10.98 -1.74
C SER B 7 17.23 10.56 -2.24
N VAL B 8 17.20 9.50 -3.04
CA VAL B 8 15.95 8.85 -3.41
C VAL B 8 16.01 7.41 -2.92
N PRO B 9 14.87 6.73 -2.83
CA PRO B 9 14.91 5.31 -2.46
C PRO B 9 15.59 4.51 -3.55
N ASN B 10 16.48 3.61 -3.14
CA ASN B 10 17.18 2.76 -4.10
C ASN B 10 16.49 1.42 -4.27
N LEU B 11 15.16 1.43 -4.35
CA LEU B 11 14.36 0.26 -4.67
C LEU B 11 14.16 0.16 -6.19
N PRO B 12 14.19 -1.06 -6.74
CA PRO B 12 13.91 -1.22 -8.17
C PRO B 12 12.54 -0.68 -8.54
N LEU B 13 12.45 -0.13 -9.74
CA LEU B 13 11.20 0.47 -10.20
C LEU B 13 10.05 -0.52 -10.05
N ASN B 14 10.22 -1.76 -10.52
CA ASN B 14 9.11 -2.69 -10.52
C ASN B 14 8.82 -3.32 -9.16
N VAL B 15 9.41 -2.86 -8.06
CA VAL B 15 8.90 -3.21 -6.75
C VAL B 15 8.24 -2.04 -6.04
N MET B 16 8.39 -0.82 -6.57
CA MET B 16 7.71 0.34 -6.04
C MET B 16 6.28 0.42 -6.58
N SER B 17 5.50 1.35 -6.03
CA SER B 17 4.06 1.39 -6.26
C SER B 17 3.61 2.73 -6.80
N ASN B 18 2.44 2.69 -7.45
CA ASN B 18 1.80 3.90 -7.92
C ASN B 18 1.41 4.79 -6.74
N SER B 19 1.34 6.09 -6.98
CA SER B 19 0.91 7.02 -5.94
C SER B 19 -0.51 7.53 -6.17
N ARG B 20 -1.20 7.03 -7.19
CA ARG B 20 -2.60 7.38 -7.47
C ARG B 20 -3.53 6.17 -7.47
N VAL B 21 -3.00 4.96 -7.54
CA VAL B 21 -3.74 3.73 -7.23
C VAL B 21 -2.83 2.79 -6.47
N PRO B 22 -3.41 1.91 -5.67
CA PRO B 22 -2.56 0.92 -4.95
C PRO B 22 -2.12 -0.24 -5.85
N SER B 23 -1.18 0.02 -6.76
CA SER B 23 -0.69 -0.99 -7.69
C SER B 23 0.81 -0.89 -7.86
N LEU B 24 1.43 -2.02 -8.20
CA LEU B 24 2.84 -2.04 -8.56
C LEU B 24 3.09 -1.15 -9.78
N LEU B 25 4.28 -0.57 -9.84
CA LEU B 25 4.73 0.08 -11.06
C LEU B 25 5.31 -0.97 -12.00
N ASN B 26 4.96 -0.89 -13.28
CA ASN B 26 5.54 -1.82 -14.24
C ASN B 26 6.03 -1.14 -15.52
N ALA B 27 6.05 0.19 -15.57
CA ALA B 27 6.56 0.87 -16.75
C ALA B 27 6.80 2.32 -16.39
N MET B 28 7.59 2.97 -17.22
CA MET B 28 7.63 4.43 -17.24
C MET B 28 7.55 4.85 -18.70
N VAL B 29 6.80 5.92 -18.95
CA VAL B 29 6.54 6.41 -20.30
C VAL B 29 6.71 7.92 -20.30
N VAL B 30 6.70 8.49 -21.49
CA VAL B 30 6.54 9.93 -21.68
C VAL B 30 5.32 10.17 -22.55
N SER B 31 4.78 11.37 -22.47
CA SER B 31 3.57 11.70 -23.22
C SER B 31 3.58 13.18 -23.61
N PRO B 32 4.56 13.62 -24.42
CA PRO B 32 4.71 15.07 -24.65
C PRO B 32 3.54 15.72 -25.38
N ASP B 33 3.05 15.10 -26.46
CA ASP B 33 2.01 15.66 -27.31
C ASP B 33 0.62 15.34 -26.82
N GLN B 34 0.44 15.21 -25.51
CA GLN B 34 -0.86 14.85 -24.96
C GLN B 34 -1.57 16.09 -24.41
N ALA B 35 -2.91 16.06 -24.47
CA ALA B 35 -3.71 17.27 -24.43
C ALA B 35 -3.78 17.87 -23.02
N GLN B 36 -4.18 17.06 -22.04
CA GLN B 36 -4.53 17.58 -20.72
C GLN B 36 -3.39 18.35 -20.07
N VAL B 37 -3.77 19.22 -19.14
CA VAL B 37 -2.80 19.73 -18.18
C VAL B 37 -2.41 18.63 -17.22
N VAL B 38 -1.30 18.84 -16.54
CA VAL B 38 -0.76 17.84 -15.63
C VAL B 38 -0.93 18.39 -14.23
N GLN B 39 -1.87 17.82 -13.49
CA GLN B 39 -2.24 18.39 -12.21
C GLN B 39 -2.81 17.35 -11.27
N PHE B 40 -2.19 16.18 -11.19
CA PHE B 40 -2.65 15.17 -10.23
C PHE B 40 -2.64 15.76 -8.82
N GLN B 41 -3.57 15.29 -8.00
CA GLN B 41 -3.61 15.73 -6.61
C GLN B 41 -2.95 14.74 -5.68
N ASN B 42 -2.89 13.47 -6.06
CA ASN B 42 -2.17 12.45 -5.32
C ASN B 42 -0.78 12.24 -5.94
N GLY B 43 0.14 11.76 -5.12
CA GLY B 43 1.52 11.62 -5.58
C GLY B 43 2.19 12.94 -5.85
N ARG B 44 1.95 13.94 -5.00
CA ARG B 44 2.55 15.26 -5.14
C ARG B 44 3.33 15.55 -3.87
N CYS B 45 4.62 15.79 -4.02
CA CYS B 45 5.49 15.98 -2.87
C CYS B 45 6.74 16.71 -3.34
N THR B 46 7.13 17.77 -2.63
CA THR B 46 8.38 18.45 -2.89
C THR B 46 9.55 17.58 -2.48
N LEU B 47 10.73 17.91 -3.04
CA LEU B 47 11.94 17.18 -2.70
C LEU B 47 12.30 17.32 -1.22
N ASP B 48 11.89 18.40 -0.56
CA ASP B 48 12.14 18.50 0.87
C ASP B 48 10.98 17.95 1.71
N GLY B 49 10.05 17.20 1.11
CA GLY B 49 9.14 16.39 1.89
C GLY B 49 7.84 17.02 2.33
N GLN B 50 7.34 18.00 1.59
CA GLN B 50 6.02 18.60 1.85
C GLN B 50 5.06 18.10 0.80
N MET B 51 4.00 17.43 1.24
CA MET B 51 3.03 16.87 0.33
C MET B 51 2.04 17.94 -0.08
N LEU B 52 1.60 17.87 -1.33
CA LEU B 52 0.68 18.85 -1.91
C LEU B 52 -0.63 18.18 -2.31
N GLY B 53 -1.64 18.99 -2.55
CA GLY B 53 -2.92 18.45 -3.01
C GLY B 53 -3.57 17.59 -1.95
N THR B 54 -3.93 16.37 -2.30
CA THR B 54 -4.48 15.44 -1.33
C THR B 54 -3.50 14.33 -0.99
N THR B 55 -2.21 14.55 -1.26
CA THR B 55 -1.25 13.47 -1.14
C THR B 55 -1.08 13.05 0.31
N THR B 56 -1.19 11.75 0.57
CA THR B 56 -0.85 11.18 1.86
C THR B 56 0.48 10.41 1.75
N VAL B 57 1.13 10.24 2.90
CA VAL B 57 2.32 9.40 2.97
C VAL B 57 1.97 7.92 3.02
N SER B 58 0.71 7.58 3.30
CA SER B 58 0.32 6.23 3.65
C SER B 58 -0.09 5.43 2.41
N ALA B 59 0.70 4.41 2.09
CA ALA B 59 0.42 3.59 0.92
C ALA B 59 -1.01 3.07 0.94
N SER B 60 -1.49 2.70 2.11
CA SER B 60 -2.80 2.08 2.21
C SER B 60 -3.94 3.11 2.21
N CYS B 61 -3.63 4.40 2.06
CA CYS B 61 -4.65 5.40 1.87
C CYS B 61 -4.75 5.89 0.42
N VAL B 62 -3.81 5.50 -0.44
CA VAL B 62 -3.83 5.95 -1.81
C VAL B 62 -5.10 5.49 -2.49
N ALA B 63 -5.92 6.46 -2.91
CA ALA B 63 -7.17 6.21 -3.64
C ALA B 63 -8.15 5.37 -2.83
N ARG B 64 -8.24 5.66 -1.53
CA ARG B 64 -9.32 5.20 -0.66
C ARG B 64 -10.12 6.40 -0.16
N PHE B 65 -11.31 6.14 0.35
CA PHE B 65 -12.04 7.16 1.10
C PHE B 65 -12.92 6.48 2.13
N ARG B 66 -13.37 7.25 3.11
CA ARG B 66 -14.11 6.70 4.23
C ARG B 66 -15.20 7.69 4.61
N GLY B 67 -16.31 7.16 5.11
CA GLY B 67 -17.35 8.05 5.56
C GLY B 67 -18.49 7.29 6.21
N LYS B 68 -19.47 8.08 6.67
CA LYS B 68 -20.67 7.56 7.29
C LYS B 68 -21.84 7.77 6.35
N THR B 69 -22.73 6.79 6.33
CA THR B 69 -23.85 6.74 5.40
C THR B 69 -25.03 7.59 5.88
N PHE B 70 -25.75 8.14 4.92
CA PHE B 70 -27.08 8.68 5.16
C PHE B 70 -27.92 8.43 3.90
N GLN B 71 -29.24 8.49 4.07
CA GLN B 71 -30.17 8.19 2.98
C GLN B 71 -30.41 9.45 2.16
N ALA B 72 -30.01 9.41 0.90
CA ALA B 72 -30.23 10.47 -0.08
C ALA B 72 -31.44 10.11 -0.96
N PRO B 73 -31.93 11.06 -1.77
CA PRO B 73 -33.17 10.79 -2.53
C PRO B 73 -33.02 9.65 -3.53
N ASP B 74 -34.15 8.99 -3.78
CA ASP B 74 -34.22 7.91 -4.77
C ASP B 74 -33.24 6.78 -4.46
N ASN B 75 -33.18 6.40 -3.19
CA ASN B 75 -32.41 5.24 -2.75
C ASN B 75 -30.93 5.35 -3.12
N ARG B 76 -30.45 6.58 -3.31
CA ARG B 76 -29.02 6.84 -3.37
C ARG B 76 -28.44 6.84 -1.97
N LEU B 77 -27.18 6.44 -1.85
CA LEU B 77 -26.49 6.33 -0.57
C LEU B 77 -25.52 7.51 -0.42
N GLY B 78 -25.89 8.49 0.40
CA GLY B 78 -24.99 9.58 0.71
C GLY B 78 -23.90 9.13 1.67
N ILE B 79 -22.72 9.74 1.51
CA ILE B 79 -21.58 9.45 2.38
C ILE B 79 -21.03 10.78 2.91
N ASN B 80 -20.98 10.92 4.24
CA ASN B 80 -20.28 12.04 4.89
C ASN B 80 -18.83 11.63 5.15
N LEU B 81 -17.91 12.28 4.46
CA LEU B 81 -16.51 11.85 4.45
C LEU B 81 -15.81 12.14 5.78
N ALA B 82 -14.89 11.25 6.13
CA ALA B 82 -13.91 11.42 7.19
C ALA B 82 -12.54 11.13 6.61
N GLU B 83 -11.48 11.33 7.39
CA GLU B 83 -10.19 10.81 6.94
C GLU B 83 -10.19 9.30 7.07
N ILE B 84 -9.33 8.64 6.28
CA ILE B 84 -9.28 7.19 6.30
C ILE B 84 -8.93 6.67 7.68
N SER B 85 -8.13 7.43 8.43
CA SER B 85 -7.85 7.10 9.82
C SER B 85 -9.08 7.20 10.72
N GLY B 86 -10.19 7.75 10.21
CA GLY B 86 -11.36 7.95 11.02
C GLY B 86 -11.42 9.30 11.70
N GLU B 87 -10.33 10.05 11.72
CA GLU B 87 -10.38 11.42 12.21
C GLU B 87 -11.33 12.24 11.35
N PRO B 88 -11.98 13.25 11.93
CA PRO B 88 -12.97 14.01 11.15
C PRO B 88 -12.29 14.73 10.00
N TYR B 89 -13.04 14.91 8.91
CA TYR B 89 -12.61 15.73 7.78
C TYR B 89 -13.40 17.02 7.82
N HIS B 90 -12.72 18.15 7.74
CA HIS B 90 -13.36 19.45 7.76
C HIS B 90 -13.07 20.18 6.45
N ALA B 91 -14.06 20.92 5.97
CA ALA B 91 -13.91 21.67 4.74
C ALA B 91 -12.91 22.82 4.92
N PHE B 92 -12.54 23.43 3.79
CA PHE B 92 -11.78 24.69 3.70
C PHE B 92 -10.30 24.55 4.05
N GLU B 93 -9.79 23.34 4.19
CA GLU B 93 -8.39 23.15 4.56
C GLU B 93 -7.57 22.38 3.53
N SER B 94 -8.15 21.42 2.82
CA SER B 94 -7.50 20.70 1.73
C SER B 94 -8.52 20.47 0.63
N PRO B 95 -8.08 20.11 -0.58
CA PRO B 95 -9.06 19.85 -1.64
C PRO B 95 -10.05 18.76 -1.27
N ALA B 96 -9.63 17.75 -0.50
CA ALA B 96 -10.43 16.58 -0.17
C ALA B 96 -9.68 15.81 0.90
N PRO B 97 -10.24 14.77 1.50
CA PRO B 97 -9.48 14.02 2.52
C PRO B 97 -8.19 13.45 1.93
N LEU B 98 -7.27 13.09 2.83
CA LEU B 98 -5.98 12.53 2.41
C LEU B 98 -6.19 11.23 1.66
N GLY B 99 -5.49 11.07 0.54
CA GLY B 99 -5.60 9.88 -0.28
C GLY B 99 -6.81 9.83 -1.19
N PHE B 100 -7.76 10.77 -1.05
CA PHE B 100 -8.99 10.76 -1.82
C PHE B 100 -8.71 10.61 -3.32
N PRO B 101 -9.43 9.73 -4.03
CA PRO B 101 -9.08 9.45 -5.44
C PRO B 101 -9.13 10.70 -6.31
N ASP B 102 -8.19 10.82 -7.25
CA ASP B 102 -8.20 12.02 -8.09
C ASP B 102 -8.46 11.71 -9.57
N PHE B 103 -9.47 10.86 -9.86
CA PHE B 103 -9.90 10.54 -11.22
C PHE B 103 -11.27 11.17 -11.49
N GLY B 104 -11.30 12.16 -12.37
CA GLY B 104 -12.54 12.83 -12.68
C GLY B 104 -13.32 12.37 -13.91
N ASP B 105 -12.72 11.51 -14.75
CA ASP B 105 -13.23 11.25 -16.10
C ASP B 105 -14.04 9.97 -16.23
N GLY B 106 -14.42 9.32 -15.13
CA GLY B 106 -15.18 8.09 -15.31
C GLY B 106 -15.73 7.59 -14.01
N ASP B 107 -16.42 6.45 -14.09
CA ASP B 107 -17.09 5.88 -12.93
C ASP B 107 -16.10 5.19 -12.00
N TRP B 108 -16.30 5.38 -10.71
CA TRP B 108 -15.60 4.61 -9.68
C TRP B 108 -16.53 3.49 -9.24
N HIS B 109 -16.15 2.25 -9.53
CA HIS B 109 -16.89 1.09 -9.03
C HIS B 109 -16.21 0.64 -7.74
N VAL B 110 -16.89 0.83 -6.62
CA VAL B 110 -16.25 0.81 -5.32
C VAL B 110 -16.72 -0.41 -4.55
N THR B 111 -15.83 -0.91 -3.70
CA THR B 111 -16.15 -1.92 -2.71
C THR B 111 -15.82 -1.34 -1.34
N ALA B 112 -16.77 -1.38 -0.43
CA ALA B 112 -16.60 -0.85 0.90
C ALA B 112 -16.83 -1.96 1.92
N THR B 113 -16.25 -1.79 3.09
CA THR B 113 -16.57 -2.65 4.21
C THR B 113 -16.89 -1.77 5.41
N LYS B 114 -17.72 -2.30 6.30
CA LYS B 114 -17.82 -1.73 7.63
C LYS B 114 -16.45 -1.78 8.32
N VAL B 115 -16.21 -0.83 9.21
CA VAL B 115 -14.96 -0.78 9.95
C VAL B 115 -15.16 -0.61 11.44
N THR B 116 -16.41 -0.50 11.90
CA THR B 116 -16.70 -0.46 13.32
C THR B 116 -16.61 -1.87 13.90
N PRO B 117 -15.71 -2.13 14.87
CA PRO B 117 -15.53 -3.51 15.34
C PRO B 117 -16.83 -4.15 15.83
N SER B 118 -17.70 -3.39 16.47
CA SER B 118 -18.95 -3.97 16.96
C SER B 118 -19.85 -4.43 15.82
N GLN B 119 -19.72 -3.85 14.62
CA GLN B 119 -20.47 -4.31 13.45
C GLN B 119 -19.76 -5.42 12.69
N LEU B 120 -18.68 -5.99 13.25
CA LEU B 120 -17.87 -6.99 12.59
C LEU B 120 -17.79 -8.26 13.42
N GLU B 121 -18.78 -8.50 14.26
CA GLU B 121 -18.83 -9.75 15.01
C GLU B 121 -19.43 -10.88 14.19
N ALA B 122 -20.18 -10.56 13.15
CA ALA B 122 -20.84 -11.56 12.31
C ALA B 122 -21.33 -10.87 11.04
N ASN B 123 -21.71 -11.70 10.06
CA ASN B 123 -22.38 -11.28 8.83
C ASN B 123 -21.47 -10.57 7.83
N ASP B 124 -22.01 -10.31 6.64
CA ASP B 124 -21.33 -9.78 5.47
C ASP B 124 -21.20 -8.28 5.59
N PRO B 125 -19.97 -7.76 5.75
CA PRO B 125 -19.78 -6.32 5.96
C PRO B 125 -19.64 -5.50 4.69
N VAL B 126 -19.90 -6.07 3.50
CA VAL B 126 -19.56 -5.40 2.25
C VAL B 126 -20.72 -4.57 1.74
N VAL B 127 -20.40 -3.40 1.21
CA VAL B 127 -21.31 -2.61 0.40
C VAL B 127 -20.59 -2.27 -0.90
N VAL B 128 -21.27 -2.43 -2.03
CA VAL B 128 -20.71 -2.05 -3.32
C VAL B 128 -21.64 -1.04 -3.98
N GLY B 129 -21.10 -0.32 -4.94
CA GLY B 129 -21.86 0.68 -5.65
C GLY B 129 -20.94 1.39 -6.62
N ASN B 130 -21.42 2.52 -7.19
CA ASN B 130 -20.50 3.35 -7.95
C ASN B 130 -20.66 4.82 -7.63
N VAL B 131 -19.55 5.52 -7.70
CA VAL B 131 -19.47 6.95 -7.49
C VAL B 131 -19.23 7.58 -8.84
N GLN B 132 -19.96 8.63 -9.14
CA GLN B 132 -19.81 9.30 -10.42
C GLN B 132 -19.29 10.70 -10.15
N PRO B 133 -17.98 10.94 -10.27
CA PRO B 133 -17.43 12.26 -9.90
C PRO B 133 -17.96 13.39 -10.76
N TYR B 134 -18.46 13.10 -11.95
CA TYR B 134 -19.10 14.12 -12.78
C TYR B 134 -20.55 14.39 -12.37
N ASN B 135 -21.13 13.57 -11.48
CA ASN B 135 -22.47 13.80 -10.96
C ASN B 135 -22.54 15.15 -10.24
N PRO B 136 -23.71 15.82 -10.27
CA PRO B 136 -23.83 17.12 -9.55
C PRO B 136 -23.83 17.01 -8.03
N GLN B 137 -24.03 15.84 -7.44
CA GLN B 137 -23.98 15.67 -5.99
C GLN B 137 -22.63 15.15 -5.51
N PHE B 138 -21.55 15.53 -6.18
CA PHE B 138 -20.19 15.11 -5.83
C PHE B 138 -19.51 16.36 -5.27
N ALA B 139 -19.32 16.40 -3.95
CA ALA B 139 -18.77 17.57 -3.27
C ALA B 139 -17.71 17.14 -2.26
N PRO B 140 -16.55 16.66 -2.73
CA PRO B 140 -15.54 16.16 -1.78
C PRO B 140 -14.89 17.26 -0.96
N HIS B 141 -14.67 18.45 -1.51
CA HIS B 141 -14.11 19.50 -0.66
C HIS B 141 -15.00 19.73 0.57
N LEU B 142 -16.32 19.79 0.37
CA LEU B 142 -17.22 20.00 1.50
C LEU B 142 -17.58 18.71 2.22
N GLY B 143 -17.02 17.58 1.81
CA GLY B 143 -17.03 16.36 2.60
C GLY B 143 -18.15 15.40 2.33
N THR B 144 -18.80 15.47 1.16
CA THR B 144 -19.97 14.65 0.90
C THR B 144 -19.96 14.16 -0.54
N LEU B 145 -20.39 12.92 -0.72
CA LEU B 145 -20.57 12.36 -2.05
C LEU B 145 -21.70 11.35 -1.98
N VAL B 146 -22.03 10.76 -3.13
CA VAL B 146 -23.13 9.82 -3.24
C VAL B 146 -22.65 8.53 -3.92
N VAL B 147 -23.07 7.40 -3.38
CA VAL B 147 -22.87 6.10 -4.00
C VAL B 147 -24.15 5.72 -4.74
N GLU B 148 -24.09 5.69 -6.07
CA GLU B 148 -25.24 5.25 -6.87
C GLU B 148 -25.40 3.74 -6.82
N ASN B 149 -26.64 3.30 -6.93
CA ASN B 149 -27.02 1.89 -6.87
C ASN B 149 -26.26 1.05 -5.85
N PRO B 150 -26.34 1.37 -4.57
CA PRO B 150 -25.69 0.53 -3.57
C PRO B 150 -26.26 -0.87 -3.55
N THR B 151 -25.44 -1.83 -3.15
CA THR B 151 -25.91 -3.16 -2.78
C THR B 151 -25.24 -3.54 -1.47
N PRO B 152 -26.02 -3.72 -0.38
CA PRO B 152 -27.49 -3.64 -0.25
C PRO B 152 -28.10 -2.27 -0.61
N ASP B 153 -29.37 -2.26 -1.06
CA ASP B 153 -30.11 -1.01 -1.27
C ASP B 153 -30.24 -0.23 0.02
N GLN B 154 -30.24 -0.93 1.14
CA GLN B 154 -30.61 -0.37 2.43
C GLN B 154 -29.42 -0.57 3.35
N VAL B 155 -28.81 0.53 3.75
CA VAL B 155 -27.72 0.52 4.73
C VAL B 155 -28.10 1.51 5.81
N ALA B 156 -28.06 1.06 7.07
CA ALA B 156 -28.43 1.90 8.18
C ALA B 156 -27.66 3.22 8.14
N THR B 157 -28.35 4.31 8.47
CA THR B 157 -27.73 5.63 8.57
C THR B 157 -26.61 5.62 9.61
N GLY B 158 -25.52 6.34 9.32
CA GLY B 158 -24.42 6.39 10.24
C GLY B 158 -23.47 5.21 10.22
N THR B 159 -23.53 4.34 9.22
CA THR B 159 -22.59 3.24 9.13
C THR B 159 -21.24 3.74 8.64
N ASP B 160 -20.18 3.39 9.36
CA ASP B 160 -18.82 3.79 9.00
C ASP B 160 -18.28 2.82 7.93
N LEU B 161 -18.00 3.33 6.74
CA LEU B 161 -17.57 2.50 5.61
C LEU B 161 -16.20 2.93 5.09
N LEU B 162 -15.33 1.96 4.78
CA LEU B 162 -14.05 2.24 4.13
C LEU B 162 -14.11 1.75 2.69
N PHE B 163 -13.91 2.66 1.74
CA PHE B 163 -14.08 2.37 0.31
C PHE B 163 -12.75 2.14 -0.39
N ASN B 164 -12.72 1.15 -1.28
CA ASN B 164 -11.69 0.98 -2.28
C ASN B 164 -12.31 1.12 -3.65
N ILE B 165 -11.49 1.54 -4.62
CA ILE B 165 -11.88 1.54 -6.02
C ILE B 165 -11.50 0.18 -6.59
N THR B 166 -12.50 -0.69 -6.79
CA THR B 166 -12.21 -1.98 -7.42
C THR B 166 -11.85 -1.82 -8.89
N TRP B 167 -12.55 -0.93 -9.61
CA TRP B 167 -12.20 -0.65 -11.00
C TRP B 167 -12.83 0.68 -11.39
N LEU B 168 -12.37 1.20 -12.52
CA LEU B 168 -12.84 2.43 -13.12
C LEU B 168 -13.34 2.12 -14.53
N SER B 169 -14.26 2.94 -15.03
CA SER B 169 -14.74 2.74 -16.40
C SER B 169 -15.02 4.08 -17.05
N ASN B 170 -15.05 4.06 -18.38
CA ASN B 170 -15.30 5.26 -19.17
C ASN B 170 -16.75 5.73 -19.01
N ARG B 171 -16.97 7.02 -19.24
CA ARG B 171 -18.32 7.50 -19.44
C ARG B 171 -18.81 7.05 -20.82
N ALA B 172 -20.14 6.99 -20.97
CA ALA B 172 -20.74 6.56 -22.22
C ALA B 172 -20.23 7.39 -23.40
N ASN B 173 -19.88 6.69 -24.48
CA ASN B 173 -19.38 7.29 -25.71
C ASN B 173 -18.07 8.04 -25.54
N ASN B 174 -17.31 7.77 -24.49
CA ASN B 174 -15.98 8.33 -24.33
C ASN B 174 -15.04 7.24 -23.86
N ARG B 175 -13.75 7.54 -23.91
CA ARG B 175 -12.74 6.74 -23.23
C ARG B 175 -12.41 7.41 -21.90
N PHE B 176 -11.86 6.62 -20.98
CA PHE B 176 -11.50 7.12 -19.65
C PHE B 176 -10.07 7.66 -19.69
N ASN B 177 -9.95 8.97 -19.48
CA ASN B 177 -8.63 9.61 -19.46
C ASN B 177 -8.14 9.71 -18.02
N PRO B 178 -7.11 8.94 -17.62
CA PRO B 178 -6.64 8.98 -16.24
C PRO B 178 -5.87 10.26 -15.88
N TRP B 179 -5.68 11.19 -16.81
CA TRP B 179 -5.07 12.46 -16.47
C TRP B 179 -6.05 13.41 -15.82
N VAL B 180 -7.34 13.23 -16.06
CA VAL B 180 -8.35 14.23 -15.68
C VAL B 180 -8.64 14.11 -14.18
N ILE B 181 -8.47 15.21 -13.46
CA ILE B 181 -8.71 15.20 -12.02
C ILE B 181 -10.15 15.60 -11.74
N PRO B 182 -10.70 15.29 -10.58
CA PRO B 182 -12.09 15.68 -10.28
C PRO B 182 -12.21 17.18 -10.12
N ASN B 183 -13.45 17.64 -10.27
CA ASN B 183 -13.85 18.98 -9.88
C ASN B 183 -14.22 18.86 -8.40
N TYR B 184 -13.43 19.47 -7.53
CA TYR B 184 -13.62 19.26 -6.11
C TYR B 184 -14.73 20.15 -5.54
N GLY B 185 -15.35 21.00 -6.36
CA GLY B 185 -16.48 21.79 -5.93
C GLY B 185 -16.05 23.02 -5.14
N SER B 186 -17.06 23.75 -4.67
CA SER B 186 -16.92 24.94 -3.83
C SER B 186 -15.99 25.95 -4.50
N THR B 187 -15.28 26.72 -3.68
CA THR B 187 -14.18 27.56 -4.09
C THR B 187 -13.13 27.42 -3.00
N LEU B 188 -11.91 27.06 -3.39
CA LEU B 188 -10.93 26.62 -2.42
C LEU B 188 -10.23 27.81 -1.77
N THR B 189 -10.15 27.79 -0.43
CA THR B 189 -9.30 28.73 0.27
C THR B 189 -7.84 28.61 -0.19
N GLU B 190 -7.04 29.57 0.27
CA GLU B 190 -5.61 29.51 -0.04
C GLU B 190 -4.99 28.26 0.56
N ALA B 191 -5.38 27.92 1.79
CA ALA B 191 -4.84 26.72 2.43
C ALA B 191 -5.21 25.47 1.62
N ALA B 192 -6.47 25.38 1.18
CA ALA B 192 -7.02 24.19 0.53
C ALA B 192 -6.66 24.10 -0.95
N GLN B 193 -5.79 25.00 -1.44
CA GLN B 193 -5.43 25.05 -2.85
C GLN B 193 -5.03 23.68 -3.39
N LEU B 194 -5.44 23.43 -4.63
CA LEU B 194 -4.94 22.29 -5.38
C LEU B 194 -3.43 22.33 -5.53
N ALA B 195 -2.82 21.17 -5.56
CA ALA B 195 -1.46 21.06 -6.06
C ALA B 195 -1.41 21.71 -7.43
N PRO B 196 -0.41 22.57 -7.70
CA PRO B 196 -0.40 23.32 -8.96
C PRO B 196 -0.27 22.40 -10.16
N SER B 197 -0.55 22.96 -11.34
CA SER B 197 -0.26 22.17 -12.53
C SER B 197 1.23 22.28 -12.85
N ILE B 198 1.71 21.32 -13.63
CA ILE B 198 3.13 21.19 -13.94
C ILE B 198 3.32 21.50 -15.42
N PHE B 199 4.18 22.43 -15.71
CA PHE B 199 4.27 22.77 -17.10
C PHE B 199 5.57 22.23 -17.71
N PRO B 200 5.58 21.99 -19.02
CA PRO B 200 6.72 21.31 -19.63
C PRO B 200 8.00 22.09 -19.41
N PRO B 201 9.05 21.45 -18.93
CA PRO B 201 10.32 22.14 -18.73
C PRO B 201 11.01 22.32 -20.07
N GLY B 202 12.08 23.10 -20.06
CA GLY B 202 12.80 23.39 -21.27
C GLY B 202 13.82 22.32 -21.59
N PHE B 203 14.77 22.70 -22.45
CA PHE B 203 15.97 21.92 -22.72
C PHE B 203 15.65 20.56 -23.29
N GLY B 204 14.61 20.50 -24.10
CA GLY B 204 14.21 19.25 -24.71
C GLY B 204 13.68 18.21 -23.75
N GLU B 205 13.31 18.62 -22.54
CA GLU B 205 12.89 17.69 -21.51
C GLU B 205 11.40 17.47 -21.58
N THR B 206 10.99 16.24 -21.23
CA THR B 206 9.58 15.89 -21.14
C THR B 206 9.33 15.17 -19.84
N ILE B 207 8.10 15.32 -19.33
CA ILE B 207 7.73 14.74 -18.04
C ILE B 207 7.72 13.23 -18.14
N VAL B 208 8.25 12.58 -17.11
CA VAL B 208 8.25 11.12 -17.02
C VAL B 208 7.10 10.69 -16.12
N TYR B 209 6.32 9.71 -16.58
CA TYR B 209 5.21 9.15 -15.84
C TYR B 209 5.53 7.72 -15.43
N PHE B 210 5.18 7.36 -14.22
CA PHE B 210 5.32 5.99 -13.74
C PHE B 210 3.95 5.33 -13.84
N ASN B 211 3.86 4.25 -14.63
CA ASN B 211 2.61 3.62 -14.98
C ASN B 211 2.40 2.32 -14.21
N SER B 212 1.14 2.03 -13.93
CA SER B 212 0.69 0.75 -13.41
C SER B 212 -0.38 0.17 -14.32
N THR B 213 -0.35 -1.14 -14.51
CA THR B 213 -1.54 -1.80 -15.03
C THR B 213 -2.58 -1.84 -13.94
N PHE B 214 -3.81 -1.49 -14.30
CA PHE B 214 -4.88 -1.33 -13.32
C PHE B 214 -6.20 -1.59 -14.02
N PRO B 215 -7.20 -2.16 -13.32
CA PRO B 215 -8.48 -2.41 -13.98
C PRO B 215 -9.21 -1.12 -14.27
N ALA B 216 -8.69 -0.35 -15.21
CA ALA B 216 -9.31 0.88 -15.67
C ALA B 216 -9.89 0.55 -17.04
N VAL B 217 -11.19 0.30 -17.08
CA VAL B 217 -11.84 -0.26 -18.26
C VAL B 217 -12.13 0.86 -19.25
N GLY B 218 -11.78 0.64 -20.51
CA GLY B 218 -12.08 1.62 -21.53
C GLY B 218 -11.22 2.86 -21.46
N ALA B 219 -9.94 2.71 -21.11
CA ALA B 219 -9.08 3.85 -20.87
C ALA B 219 -8.44 4.34 -22.17
N THR B 220 -8.06 5.61 -22.18
CA THR B 220 -7.26 6.13 -23.28
C THR B 220 -5.87 5.49 -23.32
N THR B 221 -5.45 4.84 -22.24
CA THR B 221 -4.08 4.41 -22.06
C THR B 221 -3.91 2.90 -22.07
N HIS B 222 -4.97 2.13 -22.32
CA HIS B 222 -4.85 0.67 -22.29
C HIS B 222 -4.54 0.18 -20.87
N ALA B 223 -5.50 0.43 -19.97
CA ALA B 223 -5.48 -0.08 -18.60
C ALA B 223 -4.22 0.34 -17.83
N ALA B 224 -3.76 1.58 -18.05
CA ALA B 224 -2.55 2.11 -17.44
C ALA B 224 -2.81 3.42 -16.70
N ILE B 225 -2.37 3.50 -15.45
CA ILE B 225 -2.56 4.67 -14.61
C ILE B 225 -1.22 5.37 -14.46
N PRO B 226 -1.11 6.65 -14.81
CA PRO B 226 0.17 7.35 -14.66
C PRO B 226 0.25 8.13 -13.35
N CYS B 227 1.45 8.26 -12.79
CA CYS B 227 1.66 9.15 -11.65
C CYS B 227 3.03 9.81 -11.80
N LEU B 228 3.25 10.88 -11.03
CA LEU B 228 4.49 11.63 -11.18
C LEU B 228 5.62 11.10 -10.30
N LEU B 229 5.30 10.41 -9.21
CA LEU B 229 6.29 9.93 -8.28
C LEU B 229 5.81 8.57 -7.76
N PRO B 230 6.70 7.59 -7.64
CA PRO B 230 6.35 6.40 -6.86
C PRO B 230 5.99 6.80 -5.44
N GLN B 231 5.06 6.06 -4.84
CA GLN B 231 4.65 6.37 -3.47
C GLN B 231 5.85 6.29 -2.52
N GLU B 232 6.76 5.34 -2.77
CA GLU B 232 7.98 5.24 -1.97
C GLU B 232 8.83 6.49 -2.07
N PHE B 233 8.78 7.21 -3.19
CA PHE B 233 9.47 8.50 -3.24
C PHE B 233 8.79 9.49 -2.29
N VAL B 234 7.46 9.57 -2.36
CA VAL B 234 6.73 10.42 -1.44
C VAL B 234 7.11 10.09 0.00
N ALA B 235 7.00 8.81 0.37
CA ALA B 235 7.34 8.42 1.73
C ALA B 235 8.79 8.70 2.05
N HIS B 236 9.69 8.57 1.07
CA HIS B 236 11.09 8.83 1.32
C HIS B 236 11.33 10.30 1.63
N PHE B 237 10.74 11.19 0.82
CA PHE B 237 10.99 12.62 1.00
C PHE B 237 10.38 13.12 2.30
N VAL B 238 9.18 12.64 2.64
CA VAL B 238 8.57 13.03 3.91
C VAL B 238 9.43 12.56 5.08
N ASN B 239 9.98 11.35 4.99
CA ASN B 239 10.82 10.83 6.07
C ASN B 239 12.12 11.62 6.20
N GLU B 240 12.73 11.99 5.08
CA GLU B 240 14.07 12.56 5.08
C GLU B 240 14.07 14.06 5.36
N GLN B 241 13.15 14.81 4.77
CA GLN B 241 13.10 16.27 4.93
C GLN B 241 14.43 16.91 4.57
N ALA B 242 15.07 16.40 3.53
CA ALA B 242 16.37 16.92 3.11
C ALA B 242 16.16 18.28 2.47
N PRO B 243 16.81 19.35 2.95
CA PRO B 243 16.56 20.66 2.37
C PRO B 243 17.00 20.71 0.91
N ILE B 244 16.29 21.51 0.12
CA ILE B 244 16.64 21.71 -1.29
C ILE B 244 17.92 22.54 -1.39
N ARG B 245 18.92 22.02 -2.13
CA ARG B 245 20.23 22.66 -2.20
C ARG B 245 20.69 22.86 -3.64
N GLY B 246 19.74 22.95 -4.57
CA GLY B 246 20.05 23.13 -5.98
C GLY B 246 18.77 23.30 -6.76
N GLU B 247 18.92 23.66 -8.04
CA GLU B 247 17.75 23.94 -8.86
C GLU B 247 17.05 22.68 -9.34
N ALA B 248 17.76 21.56 -9.41
CA ALA B 248 17.19 20.27 -9.77
C ALA B 248 18.16 19.19 -9.28
N ALA B 249 17.68 17.96 -9.27
CA ALA B 249 18.46 16.85 -8.76
C ALA B 249 18.66 15.83 -9.87
N LEU B 250 19.91 15.62 -10.26
CA LEU B 250 20.27 14.66 -11.29
C LEU B 250 20.18 13.24 -10.73
N LEU B 251 19.46 12.36 -11.43
CA LEU B 251 19.41 10.95 -11.07
C LEU B 251 19.98 10.11 -12.21
N HIS B 252 20.58 8.98 -11.84
CA HIS B 252 20.93 7.95 -12.80
C HIS B 252 20.06 6.72 -12.55
N TYR B 253 19.62 6.08 -13.63
CA TYR B 253 18.82 4.87 -13.52
C TYR B 253 19.75 3.70 -13.84
N ILE B 254 20.09 2.93 -12.81
CA ILE B 254 21.23 2.03 -12.82
C ILE B 254 20.74 0.60 -12.91
N ASP B 255 21.43 -0.20 -13.70
CA ASP B 255 21.26 -1.65 -13.60
C ASP B 255 21.76 -2.09 -12.23
N PRO B 256 20.92 -2.73 -11.41
CA PRO B 256 21.34 -2.93 -10.01
C PRO B 256 22.51 -3.90 -9.86
N ASP B 257 22.55 -4.96 -10.68
CA ASP B 257 23.64 -5.92 -10.55
C ASP B 257 24.96 -5.38 -11.11
N THR B 258 24.95 -5.01 -12.39
CA THR B 258 26.18 -4.61 -13.07
C THR B 258 26.47 -3.12 -12.96
N HIS B 259 25.63 -2.36 -12.28
CA HIS B 259 25.88 -0.96 -12.00
C HIS B 259 26.06 -0.10 -13.26
N ARG B 260 25.67 -0.59 -14.44
CA ARG B 260 25.74 0.26 -15.63
C ARG B 260 24.62 1.30 -15.61
N ASN B 261 24.94 2.51 -16.05
CA ASN B 261 23.97 3.60 -16.15
C ASN B 261 23.07 3.39 -17.37
N LEU B 262 21.76 3.27 -17.14
CA LEU B 262 20.80 3.07 -18.22
C LEU B 262 20.18 4.36 -18.72
N GLY B 263 20.34 5.47 -18.00
CA GLY B 263 19.73 6.71 -18.43
C GLY B 263 19.75 7.81 -17.41
N GLU B 264 19.72 9.05 -17.88
CA GLU B 264 19.83 10.23 -17.03
C GLU B 264 18.47 10.87 -16.89
N PHE B 265 18.13 11.27 -15.66
CA PHE B 265 16.87 11.92 -15.38
C PHE B 265 17.11 13.11 -14.45
N LYS B 266 16.18 14.05 -14.47
CA LYS B 266 16.15 15.16 -13.54
C LYS B 266 14.86 15.11 -12.76
N ILE B 267 14.96 15.28 -11.45
CA ILE B 267 13.78 15.42 -10.61
C ILE B 267 13.85 16.80 -9.99
N TYR B 268 12.78 17.59 -10.17
CA TYR B 268 12.71 18.99 -9.87
C TYR B 268 12.16 19.21 -8.45
N PRO B 269 12.48 20.37 -7.83
CA PRO B 269 12.01 20.63 -6.46
C PRO B 269 10.53 20.46 -6.27
N GLU B 270 9.73 20.79 -7.30
CA GLU B 270 8.28 20.69 -7.22
C GLU B 270 7.80 19.25 -7.17
N GLY B 271 8.66 18.27 -7.48
CA GLY B 271 8.29 16.89 -7.34
C GLY B 271 7.81 16.20 -8.61
N PHE B 272 8.57 16.32 -9.69
CA PHE B 272 8.29 15.56 -10.91
C PHE B 272 9.61 15.27 -11.60
N VAL B 273 9.61 14.19 -12.39
CA VAL B 273 10.80 13.69 -13.06
C VAL B 273 10.71 14.01 -14.55
N THR B 274 11.85 14.38 -15.16
CA THR B 274 11.93 14.57 -16.59
C THR B 274 13.09 13.76 -17.16
N CYS B 275 13.07 13.60 -18.49
CA CYS B 275 14.16 13.05 -19.27
C CYS B 275 14.11 13.67 -20.65
N VAL B 276 15.13 13.38 -21.45
CA VAL B 276 15.16 13.77 -22.87
C VAL B 276 15.09 12.49 -23.72
N PRO B 277 13.94 12.18 -24.32
CA PRO B 277 13.86 10.97 -25.14
C PRO B 277 14.75 11.06 -26.36
N ASN B 278 15.46 9.97 -26.65
CA ASN B 278 16.09 9.83 -27.95
C ASN B 278 15.06 10.09 -29.04
N VAL B 279 15.43 10.93 -29.99
CA VAL B 279 14.45 11.45 -30.95
C VAL B 279 13.83 10.31 -31.75
N GLY B 280 12.49 10.29 -31.79
CA GLY B 280 11.75 9.30 -32.55
C GLY B 280 11.44 8.01 -31.83
N GLY B 281 11.84 7.88 -30.56
CA GLY B 281 11.58 6.68 -29.78
C GLY B 281 10.70 6.95 -28.58
N THR B 282 10.47 5.89 -27.81
CA THR B 282 9.60 5.91 -26.64
C THR B 282 10.31 6.38 -25.35
N GLY B 283 11.52 6.94 -25.46
CA GLY B 283 12.26 7.39 -24.31
C GLY B 283 12.51 6.28 -23.32
N PRO B 284 12.16 6.53 -22.05
CA PRO B 284 12.47 5.53 -21.00
C PRO B 284 11.63 4.27 -21.08
N GLN B 285 10.62 4.21 -21.94
CA GLN B 285 9.72 3.05 -21.95
C GLN B 285 10.41 1.76 -22.33
N SER B 286 11.48 1.83 -23.14
CA SER B 286 12.16 0.61 -23.56
C SER B 286 13.18 0.12 -22.55
N LEU B 287 13.51 0.92 -21.54
CA LEU B 287 14.49 0.51 -20.54
C LEU B 287 13.93 -0.63 -19.68
N PRO B 288 14.80 -1.51 -19.17
CA PRO B 288 14.31 -2.54 -18.24
C PRO B 288 13.68 -1.91 -17.01
N THR B 289 12.67 -2.57 -16.46
CA THR B 289 11.92 -1.98 -15.36
C THR B 289 12.46 -2.38 -13.99
N ASN B 290 13.58 -3.10 -13.94
CA ASN B 290 14.15 -3.56 -12.69
C ASN B 290 15.37 -2.75 -12.28
N GLY B 291 15.56 -1.57 -12.87
CA GLY B 291 16.66 -0.71 -12.50
C GLY B 291 16.33 0.11 -11.26
N VAL B 292 17.31 0.89 -10.84
CA VAL B 292 17.28 1.58 -9.56
C VAL B 292 17.73 3.02 -9.79
N PHE B 293 16.95 3.98 -9.28
CA PHE B 293 17.35 5.38 -9.34
C PHE B 293 18.33 5.72 -8.22
N VAL B 294 19.37 6.48 -8.57
CA VAL B 294 20.36 6.94 -7.60
C VAL B 294 20.59 8.43 -7.82
N PHE B 295 20.70 9.17 -6.71
CA PHE B 295 21.02 10.60 -6.76
C PHE B 295 22.50 10.80 -7.07
N VAL B 296 22.78 11.60 -8.10
CA VAL B 296 24.17 11.89 -8.48
C VAL B 296 24.58 13.21 -7.84
N SER B 297 23.83 14.27 -8.11
CA SER B 297 24.17 15.57 -7.57
C SER B 297 23.01 16.52 -7.83
N TRP B 298 23.01 17.61 -7.09
CA TRP B 298 22.23 18.76 -7.50
C TRP B 298 22.84 19.33 -8.77
N VAL B 299 21.99 19.91 -9.62
CA VAL B 299 22.40 20.58 -10.85
C VAL B 299 21.49 21.78 -11.04
N SER B 300 21.86 22.64 -11.98
CA SER B 300 21.02 23.77 -12.32
C SER B 300 19.96 23.34 -13.34
N ARG B 301 19.03 24.24 -13.62
CA ARG B 301 17.95 23.89 -14.53
C ARG B 301 18.48 23.64 -15.93
N TYR B 302 19.58 24.27 -16.33
CA TYR B 302 20.04 24.11 -17.70
C TYR B 302 21.01 22.95 -17.89
N TYR B 303 21.18 22.08 -16.90
CA TYR B 303 21.97 20.88 -17.12
C TYR B 303 21.35 20.04 -18.23
N GLN B 304 22.14 19.61 -19.21
CA GLN B 304 21.63 18.94 -20.40
C GLN B 304 21.70 17.43 -20.24
N LEU B 305 20.54 16.76 -20.25
CA LEU B 305 20.49 15.31 -20.06
C LEU B 305 20.92 14.58 -21.32
N LYS B 306 21.65 13.48 -21.14
CA LYS B 306 21.88 12.58 -22.26
C LYS B 306 20.53 12.04 -22.74
N PRO B 307 20.30 11.99 -24.04
CA PRO B 307 19.07 11.36 -24.53
C PRO B 307 18.97 9.92 -24.05
N VAL B 308 17.75 9.52 -23.68
CA VAL B 308 17.50 8.19 -23.15
C VAL B 308 16.63 7.42 -24.13
N GLY B 309 16.86 6.12 -24.19
CA GLY B 309 16.07 5.27 -25.05
C GLY B 309 16.66 5.12 -26.43
N THR B 310 15.90 4.48 -27.31
CA THR B 310 16.31 4.22 -28.68
C THR B 310 15.60 5.17 -29.64
N ALA B 311 16.14 5.25 -30.86
CA ALA B 311 15.58 6.10 -31.90
C ALA B 311 14.28 5.57 -32.49
N GLY B 312 13.94 4.30 -32.25
CA GLY B 312 12.67 3.77 -32.70
C GLY B 312 12.73 2.34 -33.20
#